data_6GDX
#
_entry.id   6GDX
#
_cell.length_a   35.602
_cell.length_b   96.329
_cell.length_c   48.912
_cell.angle_alpha   90.00
_cell.angle_beta   93.15
_cell.angle_gamma   90.00
#
_symmetry.space_group_name_H-M   'P 1 21 1'
#
loop_
_entity.id
_entity.type
_entity.pdbx_description
1 polymer 'Periplasmic divalent cation tolerance protein'
2 non-polymer 2-[BIS-(2-HYDROXY-ETHYL)-AMINO]-2-HYDROXYMETHYL-PROPANE-1,3-DIOL
3 water water
#
_entity_poly.entity_id   1
_entity_poly.type   'polypeptide(L)'
_entity_poly.pdbx_seq_one_letter_code
;MGSSHHHHHHSSGLVPRGSHMTDLSSLIETADLRLLLTTVSTEVEAQQLAQAAVEAGLAACVSITPIQSCYRWQGAIARE
TEQQMSFKTTVEQLDALQQWLQSQHPYALPECLVLTPIASSVAYRDWLRSSLS
;
_entity_poly.pdbx_strand_id   A,B,C
#
loop_
_chem_comp.id
_chem_comp.type
_chem_comp.name
_chem_comp.formula
BTB non-polymer 2-[BIS-(2-HYDROXY-ETHYL)-AMINO]-2-HYDROXYMETHYL-PROPANE-1,3-DIOL 'C8 H19 N O5'
#
# COMPACT_ATOMS: atom_id res chain seq x y z
N SER A 26 7.82 18.75 10.13
CA SER A 26 8.41 19.03 8.78
C SER A 26 7.62 18.39 7.65
N LEU A 27 6.32 18.31 7.87
CA LEU A 27 5.39 17.76 6.92
C LEU A 27 5.16 18.75 5.80
N ILE A 28 5.33 18.35 4.55
CA ILE A 28 5.09 19.18 3.38
C ILE A 28 4.15 18.51 2.41
N GLU A 29 3.34 19.34 1.76
CA GLU A 29 2.47 18.90 0.70
CA GLU A 29 2.49 18.81 0.69
C GLU A 29 3.36 18.52 -0.51
N THR A 30 3.04 17.42 -1.22
CA THR A 30 3.85 16.99 -2.36
CA THR A 30 3.88 16.89 -2.34
C THR A 30 2.98 16.50 -3.51
N ALA A 31 3.41 16.77 -4.73
CA ALA A 31 2.72 16.37 -5.96
C ALA A 31 3.61 15.67 -6.96
N ASP A 32 4.92 15.64 -6.74
CA ASP A 32 5.88 15.13 -7.71
C ASP A 32 6.50 13.79 -7.38
N LEU A 33 6.07 13.16 -6.30
CA LEU A 33 6.52 11.81 -5.93
C LEU A 33 5.53 10.79 -6.45
N ARG A 34 6.06 9.61 -6.75
CA ARG A 34 5.24 8.52 -7.32
C ARG A 34 5.65 7.18 -6.70
N LEU A 35 4.66 6.32 -6.54
CA LEU A 35 4.88 4.90 -6.19
C LEU A 35 4.40 4.07 -7.37
N LEU A 36 5.27 3.27 -7.95
CA LEU A 36 4.88 2.37 -9.02
C LEU A 36 4.80 0.96 -8.43
N LEU A 37 3.63 0.34 -8.50
CA LEU A 37 3.36 -1.00 -7.97
C LEU A 37 3.33 -2.00 -9.10
N THR A 38 4.04 -3.10 -8.90
CA THR A 38 3.99 -4.24 -9.78
C THR A 38 4.22 -5.52 -8.95
N THR A 39 4.03 -6.68 -9.58
CA THR A 39 4.34 -7.95 -8.95
C THR A 39 5.20 -8.77 -9.86
N VAL A 40 5.99 -9.65 -9.25
CA VAL A 40 6.74 -10.70 -9.96
C VAL A 40 6.50 -12.02 -9.21
N SER A 41 6.95 -13.14 -9.78
CA SER A 41 6.64 -14.42 -9.20
C SER A 41 7.51 -14.76 -8.00
N THR A 42 8.81 -14.55 -8.09
CA THR A 42 9.75 -15.07 -7.10
C THR A 42 10.54 -14.00 -6.38
N GLU A 43 11.00 -14.30 -5.17
CA GLU A 43 11.87 -13.45 -4.41
C GLU A 43 13.11 -13.08 -5.22
N VAL A 44 13.74 -14.04 -5.87
CA VAL A 44 14.94 -13.80 -6.67
CA VAL A 44 14.96 -13.70 -6.57
C VAL A 44 14.66 -12.76 -7.75
N GLU A 45 13.56 -12.94 -8.47
CA GLU A 45 13.19 -12.00 -9.55
C GLU A 45 13.02 -10.59 -8.98
N ALA A 46 12.37 -10.50 -7.84
CA ALA A 46 12.11 -9.20 -7.23
C ALA A 46 13.41 -8.51 -6.80
N GLN A 47 14.29 -9.28 -6.18
CA GLN A 47 15.55 -8.74 -5.72
C GLN A 47 16.41 -8.22 -6.86
N GLN A 48 16.47 -8.99 -7.93
CA GLN A 48 17.23 -8.60 -9.10
C GLN A 48 16.67 -7.36 -9.79
N LEU A 49 15.38 -7.32 -9.96
CA LEU A 49 14.74 -6.18 -10.61
C LEU A 49 14.88 -4.92 -9.75
N ALA A 50 14.75 -5.06 -8.43
CA ALA A 50 14.87 -3.90 -7.55
C ALA A 50 16.27 -3.33 -7.60
N GLN A 51 17.27 -4.20 -7.53
CA GLN A 51 18.63 -3.74 -7.56
C GLN A 51 18.96 -3.05 -8.87
N ALA A 52 18.51 -3.62 -9.98
CA ALA A 52 18.80 -3.03 -11.27
C ALA A 52 18.12 -1.68 -11.44
N ALA A 53 16.89 -1.53 -10.97
CA ALA A 53 16.23 -0.21 -11.04
C ALA A 53 16.95 0.88 -10.26
N VAL A 54 17.41 0.54 -9.06
CA VAL A 54 18.15 1.51 -8.25
C VAL A 54 19.50 1.81 -8.90
N GLU A 55 20.18 0.78 -9.41
CA GLU A 55 21.46 0.97 -10.07
C GLU A 55 21.32 1.91 -11.23
N ALA A 56 20.26 1.76 -12.03
CA ALA A 56 20.02 2.63 -13.16
C ALA A 56 19.55 4.05 -12.81
N GLY A 57 19.33 4.34 -11.53
CA GLY A 57 18.89 5.67 -11.14
C GLY A 57 17.44 5.95 -11.43
N LEU A 58 16.63 4.91 -11.67
CA LEU A 58 15.21 5.07 -12.04
C LEU A 58 14.25 5.05 -10.89
N ALA A 59 14.68 4.47 -9.79
CA ALA A 59 13.92 4.45 -8.53
C ALA A 59 14.89 4.74 -7.41
N ALA A 60 14.45 5.50 -6.42
CA ALA A 60 15.26 5.82 -5.24
C ALA A 60 15.35 4.63 -4.30
N CYS A 61 14.25 3.91 -4.18
CA CYS A 61 14.23 2.72 -3.38
CA CYS A 61 14.09 2.82 -3.23
C CYS A 61 13.04 1.90 -3.80
N VAL A 62 13.13 0.62 -3.47
CA VAL A 62 12.13 -0.37 -3.86
C VAL A 62 11.85 -1.24 -2.64
N SER A 63 10.59 -1.44 -2.32
CA SER A 63 10.22 -2.43 -1.31
C SER A 63 9.67 -3.68 -1.97
N ILE A 64 9.90 -4.80 -1.29
CA ILE A 64 9.47 -6.11 -1.74
C ILE A 64 8.74 -6.80 -0.59
N THR A 65 7.50 -7.26 -0.85
CA THR A 65 6.62 -7.84 0.13
C THR A 65 6.07 -9.17 -0.45
N PRO A 66 6.21 -10.30 0.25
CA PRO A 66 5.59 -11.55 -0.25
C PRO A 66 4.08 -11.48 -0.13
N ILE A 67 3.36 -11.91 -1.16
CA ILE A 67 1.91 -11.92 -1.18
C ILE A 67 1.39 -13.21 -1.74
N GLN A 68 0.09 -13.43 -1.60
CA GLN A 68 -0.65 -14.33 -2.46
C GLN A 68 -1.58 -13.51 -3.31
N SER A 69 -1.75 -13.90 -4.57
CA SER A 69 -2.56 -13.17 -5.53
C SER A 69 -3.59 -14.12 -6.10
N CYS A 70 -4.83 -13.64 -6.21
CA CYS A 70 -5.93 -14.40 -6.78
CA CYS A 70 -5.95 -14.40 -6.76
C CYS A 70 -6.48 -13.59 -7.93
N TYR A 71 -6.63 -14.22 -9.08
CA TYR A 71 -7.03 -13.53 -10.31
C TYR A 71 -7.51 -14.56 -11.32
N ARG A 72 -8.30 -14.17 -12.31
CA ARG A 72 -8.60 -15.19 -13.41
C ARG A 72 -7.61 -14.93 -14.53
N TRP A 73 -7.07 -15.96 -15.11
CA TRP A 73 -6.11 -15.82 -16.17
C TRP A 73 -6.27 -17.08 -16.95
N GLN A 74 -6.17 -16.97 -18.27
CA GLN A 74 -6.25 -18.16 -19.09
C GLN A 74 -7.52 -18.98 -18.82
N GLY A 75 -8.59 -18.25 -18.62
CA GLY A 75 -9.90 -18.87 -18.39
C GLY A 75 -10.18 -19.46 -17.03
N ALA A 76 -9.20 -19.44 -16.11
CA ALA A 76 -9.28 -20.15 -14.82
C ALA A 76 -8.85 -19.25 -13.65
N ILE A 77 -9.54 -19.34 -12.53
CA ILE A 77 -9.18 -18.57 -11.34
C ILE A 77 -7.95 -19.24 -10.77
N ALA A 78 -6.98 -18.42 -10.42
CA ALA A 78 -5.74 -18.92 -9.87
C ALA A 78 -5.46 -18.23 -8.56
N ARG A 79 -4.74 -18.89 -7.66
CA ARG A 79 -4.15 -18.25 -6.50
C ARG A 79 -2.69 -18.67 -6.47
N GLU A 80 -1.77 -17.71 -6.52
CA GLU A 80 -0.36 -18.01 -6.63
C GLU A 80 0.40 -17.08 -5.72
N THR A 81 1.55 -17.54 -5.26
CA THR A 81 2.43 -16.69 -4.49
C THR A 81 3.20 -15.77 -5.44
N GLU A 82 3.36 -14.52 -5.00
CA GLU A 82 4.05 -13.49 -5.78
C GLU A 82 4.80 -12.60 -4.79
N GLN A 83 5.55 -11.65 -5.36
CA GLN A 83 6.19 -10.61 -4.59
C GLN A 83 5.62 -9.29 -5.06
N GLN A 84 5.06 -8.53 -4.15
CA GLN A 84 4.63 -7.16 -4.43
C GLN A 84 5.83 -6.26 -4.38
N MET A 85 6.00 -5.45 -5.41
CA MET A 85 7.07 -4.46 -5.47
C MET A 85 6.48 -3.06 -5.46
N SER A 86 7.12 -2.14 -4.76
CA SER A 86 6.75 -0.72 -4.74
C SER A 86 8.00 0.09 -4.98
N PHE A 87 8.04 0.72 -6.15
CA PHE A 87 9.16 1.54 -6.57
C PHE A 87 8.88 3.00 -6.25
N LYS A 88 9.77 3.63 -5.51
CA LYS A 88 9.65 5.06 -5.19
C LYS A 88 10.41 5.86 -6.20
N THR A 89 9.74 6.82 -6.83
CA THR A 89 10.37 7.61 -7.86
C THR A 89 9.72 8.97 -7.92
N THR A 90 10.14 9.78 -8.90
CA THR A 90 9.55 11.08 -9.15
C THR A 90 8.71 11.05 -10.43
N VAL A 91 7.84 12.06 -10.56
CA VAL A 91 7.06 12.20 -11.76
C VAL A 91 8.00 12.31 -12.98
N GLU A 92 9.15 12.97 -12.82
CA GLU A 92 10.08 13.14 -13.93
C GLU A 92 10.73 11.85 -14.41
N GLN A 93 10.93 10.88 -13.49
CA GLN A 93 11.56 9.62 -13.84
C GLN A 93 10.56 8.50 -14.14
N LEU A 94 9.27 8.73 -13.90
CA LEU A 94 8.29 7.64 -13.92
C LEU A 94 8.17 6.97 -15.28
N ASP A 95 8.10 7.76 -16.35
CA ASP A 95 7.98 7.16 -17.68
CA ASP A 95 7.95 7.17 -17.67
C ASP A 95 9.16 6.28 -18.01
N ALA A 96 10.35 6.77 -17.71
CA ALA A 96 11.58 6.01 -17.96
C ALA A 96 11.58 4.72 -17.13
N LEU A 97 11.16 4.81 -15.87
CA LEU A 97 11.09 3.61 -15.03
C LEU A 97 10.13 2.59 -15.63
N GLN A 98 8.94 3.00 -16.00
CA GLN A 98 7.94 2.06 -16.58
C GLN A 98 8.42 1.47 -17.90
N GLN A 99 9.06 2.27 -18.74
CA GLN A 99 9.57 1.75 -20.03
C GLN A 99 10.64 0.71 -19.78
N TRP A 100 11.53 1.01 -18.85
CA TRP A 100 12.57 0.08 -18.45
C TRP A 100 11.98 -1.20 -17.86
N LEU A 101 11.03 -1.04 -16.96
CA LEU A 101 10.47 -2.18 -16.22
CA LEU A 101 10.38 -2.15 -16.27
C LEU A 101 9.80 -3.13 -17.23
N GLN A 102 9.08 -2.61 -18.19
CA GLN A 102 8.45 -3.40 -19.25
C GLN A 102 9.48 -4.26 -19.97
N SER A 103 10.58 -3.67 -20.41
CA SER A 103 11.67 -4.43 -21.08
C SER A 103 12.28 -5.52 -20.21
N GLN A 104 12.29 -5.29 -18.90
CA GLN A 104 12.95 -6.19 -17.96
C GLN A 104 12.02 -7.09 -17.18
N HIS A 105 10.72 -6.83 -17.22
CA HIS A 105 9.77 -7.54 -16.35
C HIS A 105 9.59 -8.99 -16.81
N PRO A 106 9.56 -9.96 -15.88
CA PRO A 106 9.34 -11.35 -16.30
C PRO A 106 7.97 -11.73 -16.86
N TYR A 107 6.94 -10.93 -16.59
CA TYR A 107 5.60 -11.25 -17.03
C TYR A 107 5.34 -10.56 -18.33
N ALA A 108 4.58 -11.26 -19.18
CA ALA A 108 4.07 -10.68 -20.40
C ALA A 108 3.09 -9.53 -20.18
N LEU A 109 2.28 -9.61 -19.11
CA LEU A 109 1.35 -8.55 -18.76
C LEU A 109 1.64 -8.16 -17.29
N PRO A 110 2.61 -7.27 -17.05
CA PRO A 110 2.88 -6.88 -15.67
C PRO A 110 1.79 -6.02 -15.08
N GLU A 111 1.57 -6.17 -13.79
CA GLU A 111 0.80 -5.20 -13.05
C GLU A 111 1.51 -3.84 -13.18
N CYS A 112 0.70 -2.79 -13.32
CA CYS A 112 1.23 -1.43 -13.38
C CYS A 112 0.21 -0.52 -12.77
N LEU A 113 0.46 -0.11 -11.55
CA LEU A 113 -0.45 0.84 -10.88
C LEU A 113 0.39 1.89 -10.23
N VAL A 114 0.02 3.16 -10.41
CA VAL A 114 0.81 4.27 -9.91
C VAL A 114 0.01 5.03 -8.89
N LEU A 115 0.59 5.29 -7.72
CA LEU A 115 -0.05 6.12 -6.70
C LEU A 115 0.77 7.39 -6.54
N THR A 116 0.09 8.46 -6.16
CA THR A 116 0.73 9.73 -5.82
C THR A 116 0.56 10.06 -4.35
N PRO A 117 1.62 10.00 -3.56
CA PRO A 117 1.58 10.48 -2.19
C PRO A 117 1.27 11.97 -2.18
N ILE A 118 0.51 12.41 -1.22
CA ILE A 118 0.14 13.82 -1.17
C ILE A 118 0.88 14.60 -0.12
N ALA A 119 1.69 13.95 0.69
CA ALA A 119 2.57 14.66 1.61
C ALA A 119 3.77 13.77 1.90
N SER A 120 4.80 14.41 2.39
CA SER A 120 6.03 13.73 2.82
C SER A 120 6.66 14.59 3.89
N SER A 121 7.88 14.29 4.28
CA SER A 121 8.68 15.21 5.07
C SER A 121 9.62 15.94 4.14
N VAL A 122 10.08 17.11 4.56
CA VAL A 122 11.04 17.81 3.75
C VAL A 122 12.28 16.92 3.49
N ALA A 123 12.77 16.30 4.56
CA ALA A 123 13.99 15.53 4.45
C ALA A 123 13.83 14.31 3.55
N TYR A 124 12.69 13.61 3.66
CA TYR A 124 12.52 12.40 2.86
C TYR A 124 12.30 12.73 1.40
N ARG A 125 11.48 13.74 1.13
CA ARG A 125 11.29 14.17 -0.26
C ARG A 125 12.62 14.57 -0.87
N ASP A 126 13.41 15.31 -0.12
CA ASP A 126 14.71 15.75 -0.62
C ASP A 126 15.64 14.57 -0.88
N TRP A 127 15.63 13.59 0.03
CA TRP A 127 16.45 12.38 -0.17
C TRP A 127 16.04 11.66 -1.44
N LEU A 128 14.74 11.45 -1.61
CA LEU A 128 14.26 10.71 -2.75
C LEU A 128 14.65 11.37 -4.05
N ARG A 129 14.35 12.66 -4.16
CA ARG A 129 14.65 13.38 -5.39
C ARG A 129 16.14 13.43 -5.64
N SER A 130 16.94 13.69 -4.60
CA SER A 130 18.38 13.84 -4.79
C SER A 130 19.06 12.54 -5.16
N SER A 131 18.48 11.40 -4.76
CA SER A 131 19.09 10.09 -5.01
C SER A 131 19.02 9.64 -6.48
N LEU A 132 18.11 10.23 -7.25
CA LEU A 132 17.93 9.76 -8.62
C LEU A 132 19.06 10.14 -9.60
N SER B 25 -22.77 1.08 6.56
CA SER B 25 -21.77 0.33 5.74
C SER B 25 -21.55 0.89 4.31
N SER B 26 -22.41 1.79 3.85
CA SER B 26 -22.25 2.36 2.49
C SER B 26 -20.95 3.14 2.30
N LEU B 27 -20.47 3.18 1.06
CA LEU B 27 -19.28 3.97 0.74
C LEU B 27 -19.64 5.43 0.67
N ILE B 28 -18.78 6.23 1.28
CA ILE B 28 -18.87 7.65 1.21
C ILE B 28 -17.53 8.24 0.77
N GLU B 29 -17.59 9.37 0.08
CA GLU B 29 -16.37 10.13 -0.23
C GLU B 29 -15.71 10.57 1.04
N THR B 30 -14.38 10.53 1.03
CA THR B 30 -13.60 10.96 2.18
C THR B 30 -12.42 11.82 1.69
N ALA B 31 -12.18 12.91 2.41
CA ALA B 31 -11.03 13.74 2.13
C ALA B 31 -10.16 13.97 3.36
N ASP B 32 -10.59 13.56 4.54
CA ASP B 32 -9.91 13.90 5.78
C ASP B 32 -9.20 12.71 6.46
N LEU B 33 -9.17 11.55 5.80
CA LEU B 33 -8.41 10.39 6.31
C LEU B 33 -7.04 10.37 5.66
N ARG B 34 -6.06 9.80 6.36
CA ARG B 34 -4.69 9.76 5.88
C ARG B 34 -4.05 8.45 6.28
N LEU B 35 -3.18 7.96 5.40
CA LEU B 35 -2.30 6.80 5.69
C LEU B 35 -0.87 7.30 5.65
N LEU B 36 -0.17 7.25 6.76
CA LEU B 36 1.24 7.61 6.79
C LEU B 36 2.05 6.33 6.74
N LEU B 37 2.94 6.26 5.75
CA LEU B 37 3.80 5.10 5.54
C LEU B 37 5.22 5.41 5.95
N THR B 38 5.79 4.55 6.77
CA THR B 38 7.20 4.64 7.14
C THR B 38 7.74 3.22 7.32
N THR B 39 9.05 3.10 7.51
CA THR B 39 9.68 1.80 7.80
C THR B 39 10.55 1.95 9.02
N VAL B 40 10.74 0.81 9.71
CA VAL B 40 11.75 0.67 10.75
C VAL B 40 12.50 -0.63 10.48
N SER B 41 13.54 -0.90 11.26
CA SER B 41 14.36 -2.06 10.97
C SER B 41 13.78 -3.38 11.49
N THR B 42 13.30 -3.41 12.73
CA THR B 42 12.95 -4.67 13.38
C THR B 42 11.49 -4.74 13.78
N GLU B 43 10.99 -5.95 13.90
CA GLU B 43 9.65 -6.22 14.39
C GLU B 43 9.43 -5.60 15.76
N VAL B 44 10.38 -5.74 16.66
CA VAL B 44 10.22 -5.13 17.98
C VAL B 44 10.08 -3.61 17.89
N GLU B 45 10.93 -2.98 17.10
CA GLU B 45 10.82 -1.54 16.92
C GLU B 45 9.42 -1.14 16.41
N ALA B 46 8.95 -1.89 15.43
CA ALA B 46 7.66 -1.57 14.84
C ALA B 46 6.54 -1.73 15.84
N GLN B 47 6.56 -2.82 16.59
CA GLN B 47 5.50 -3.09 17.56
C GLN B 47 5.48 -1.98 18.63
N GLN B 48 6.64 -1.57 19.10
CA GLN B 48 6.73 -0.56 20.12
C GLN B 48 6.27 0.80 19.61
N LEU B 49 6.67 1.15 18.40
CA LEU B 49 6.29 2.45 17.85
C LEU B 49 4.79 2.48 17.56
N ALA B 50 4.26 1.38 17.03
CA ALA B 50 2.84 1.31 16.75
C ALA B 50 2.03 1.47 18.02
N GLN B 51 2.39 0.72 19.04
CA GLN B 51 1.68 0.80 20.31
C GLN B 51 1.72 2.21 20.87
N ALA B 52 2.88 2.84 20.83
CA ALA B 52 3.04 4.16 21.38
C ALA B 52 2.21 5.19 20.64
N ALA B 53 2.11 5.07 19.32
CA ALA B 53 1.32 6.04 18.54
C ALA B 53 -0.16 5.91 18.84
N VAL B 54 -0.66 4.69 18.97
CA VAL B 54 -2.06 4.47 19.31
C VAL B 54 -2.33 4.97 20.74
N GLU B 55 -1.41 4.71 21.64
CA GLU B 55 -1.56 5.11 23.03
C GLU B 55 -1.66 6.63 23.17
N ALA B 56 -0.93 7.36 22.35
CA ALA B 56 -0.93 8.81 22.34
C ALA B 56 -2.07 9.45 21.56
N GLY B 57 -2.92 8.63 20.95
CA GLY B 57 -4.04 9.17 20.19
C GLY B 57 -3.71 9.72 18.82
N LEU B 58 -2.55 9.35 18.29
CA LEU B 58 -2.05 9.89 17.01
C LEU B 58 -2.46 9.06 15.80
N ALA B 59 -2.85 7.82 16.03
CA ALA B 59 -3.31 6.92 14.96
C ALA B 59 -4.37 6.02 15.54
N ALA B 60 -5.39 5.68 14.76
CA ALA B 60 -6.41 4.75 15.20
C ALA B 60 -6.02 3.31 15.10
N CYS B 61 -5.21 3.02 14.08
CA CYS B 61 -4.71 1.67 13.77
CA CYS B 61 -4.60 1.75 13.98
C CYS B 61 -3.33 1.86 13.15
N VAL B 62 -2.44 0.91 13.41
CA VAL B 62 -1.18 0.85 12.73
C VAL B 62 -0.96 -0.57 12.29
N SER B 63 -0.66 -0.79 11.00
CA SER B 63 -0.33 -2.13 10.54
C SER B 63 1.15 -2.23 10.30
N ILE B 64 1.67 -3.44 10.41
CA ILE B 64 3.07 -3.74 10.27
C ILE B 64 3.23 -4.96 9.37
N THR B 65 4.12 -4.86 8.39
CA THR B 65 4.33 -5.88 7.35
C THR B 65 5.87 -6.11 7.22
N PRO B 66 6.44 -7.32 7.27
CA PRO B 66 7.87 -7.44 6.97
C PRO B 66 8.14 -7.26 5.47
N ILE B 67 9.18 -6.51 5.16
CA ILE B 67 9.56 -6.23 3.77
C ILE B 67 11.08 -6.37 3.65
N GLN B 68 11.53 -6.32 2.41
CA GLN B 68 12.90 -5.99 2.10
C GLN B 68 12.91 -4.66 1.38
N SER B 69 13.90 -3.82 1.66
CA SER B 69 14.07 -2.52 1.02
CA SER B 69 14.05 -2.51 1.02
C SER B 69 15.42 -2.44 0.35
N CYS B 70 15.42 -2.04 -0.92
CA CYS B 70 16.62 -1.85 -1.72
CA CYS B 70 16.62 -1.86 -1.74
C CYS B 70 16.81 -0.39 -2.04
N TYR B 71 18.00 0.13 -1.77
CA TYR B 71 18.30 1.56 -1.95
C TYR B 71 19.81 1.68 -1.96
N ARG B 72 20.33 2.81 -2.43
CA ARG B 72 21.78 3.05 -2.43
C ARG B 72 22.14 3.76 -1.14
N TRP B 73 23.19 3.27 -0.50
CA TRP B 73 23.67 3.75 0.79
C TRP B 73 25.20 3.90 0.71
N GLN B 74 25.76 5.10 0.96
CA GLN B 74 27.22 5.29 0.89
C GLN B 74 27.77 4.85 -0.46
N GLY B 75 26.96 5.01 -1.51
CA GLY B 75 27.37 4.72 -2.87
C GLY B 75 27.20 3.27 -3.31
N ALA B 76 26.80 2.38 -2.41
CA ALA B 76 26.61 0.96 -2.75
C ALA B 76 25.16 0.56 -2.59
N ILE B 77 24.71 -0.35 -3.44
CA ILE B 77 23.34 -0.84 -3.34
C ILE B 77 23.22 -1.71 -2.09
N ALA B 78 22.23 -1.43 -1.26
CA ALA B 78 21.91 -2.19 -0.06
C ALA B 78 20.57 -2.86 -0.25
N ARG B 79 20.39 -4.02 0.37
CA ARG B 79 19.06 -4.61 0.50
C ARG B 79 18.95 -5.09 1.93
N GLU B 80 17.99 -4.56 2.67
CA GLU B 80 17.89 -4.83 4.11
C GLU B 80 16.48 -5.23 4.43
N THR B 81 16.33 -6.03 5.48
CA THR B 81 14.99 -6.32 6.01
C THR B 81 14.52 -5.14 6.81
N GLU B 82 13.25 -4.83 6.63
CA GLU B 82 12.59 -3.74 7.35
C GLU B 82 11.17 -4.16 7.65
N GLN B 83 10.50 -3.32 8.44
CA GLN B 83 9.07 -3.46 8.68
C GLN B 83 8.40 -2.26 8.08
N GLN B 84 7.47 -2.47 7.15
CA GLN B 84 6.64 -1.41 6.63
C GLN B 84 5.52 -1.14 7.63
N MET B 85 5.32 0.11 7.96
CA MET B 85 4.27 0.55 8.83
C MET B 85 3.29 1.45 8.11
N SER B 86 2.02 1.28 8.40
CA SER B 86 0.96 2.11 7.86
C SER B 86 0.10 2.61 9.00
N PHE B 87 0.16 3.89 9.25
CA PHE B 87 -0.56 4.56 10.33
C PHE B 87 -1.83 5.16 9.75
N LYS B 88 -2.98 4.75 10.28
CA LYS B 88 -4.29 5.27 9.87
C LYS B 88 -4.64 6.41 10.81
N THR B 89 -4.83 7.59 10.25
CA THR B 89 -5.10 8.79 11.05
C THR B 89 -5.96 9.75 10.28
N THR B 90 -6.16 10.91 10.86
CA THR B 90 -6.93 11.97 10.20
C THR B 90 -5.99 13.08 9.81
N VAL B 91 -6.47 13.95 8.91
CA VAL B 91 -5.66 15.09 8.53
C VAL B 91 -5.38 15.96 9.75
N GLU B 92 -6.35 16.04 10.68
CA GLU B 92 -6.16 16.87 11.86
C GLU B 92 -5.01 16.39 12.75
N GLN B 93 -4.72 15.08 12.80
CA GLN B 93 -3.62 14.57 13.61
C GLN B 93 -2.34 14.35 12.83
N LEU B 94 -2.35 14.58 11.51
CA LEU B 94 -1.23 14.17 10.68
C LEU B 94 0.04 14.93 11.02
N ASP B 95 -0.06 16.25 11.21
CA ASP B 95 1.11 17.03 11.52
CA ASP B 95 1.13 17.01 11.56
C ASP B 95 1.70 16.59 12.88
N ALA B 96 0.83 16.41 13.89
CA ALA B 96 1.28 15.97 15.22
C ALA B 96 1.92 14.59 15.15
N LEU B 97 1.36 13.69 14.33
CA LEU B 97 1.94 12.37 14.17
C LEU B 97 3.34 12.47 13.57
N GLN B 98 3.50 13.24 12.51
CA GLN B 98 4.82 13.41 11.86
CA GLN B 98 4.81 13.36 11.89
C GLN B 98 5.84 14.02 12.82
N GLN B 99 5.40 15.03 13.57
CA GLN B 99 6.27 15.69 14.55
C GLN B 99 6.70 14.71 15.64
N TRP B 100 5.76 13.89 16.10
CA TRP B 100 6.05 12.88 17.10
C TRP B 100 7.01 11.85 16.56
N LEU B 101 6.83 11.44 15.30
CA LEU B 101 7.81 10.56 14.65
C LEU B 101 9.21 11.16 14.56
N GLN B 102 9.33 12.48 14.44
CA GLN B 102 10.64 13.16 14.42
C GLN B 102 11.44 12.79 15.67
N SER B 103 10.74 12.64 16.81
CA SER B 103 11.38 12.32 18.08
C SER B 103 11.43 10.85 18.42
N GLN B 104 10.44 10.07 17.99
CA GLN B 104 10.25 8.71 18.44
C GLN B 104 10.68 7.65 17.44
N HIS B 105 10.77 7.99 16.16
CA HIS B 105 11.15 6.97 15.17
C HIS B 105 12.61 6.59 15.42
N PRO B 106 12.97 5.31 15.24
CA PRO B 106 14.38 4.91 15.46
C PRO B 106 15.41 5.44 14.44
N TYR B 107 14.96 5.84 13.25
CA TYR B 107 15.87 6.32 12.21
C TYR B 107 15.96 7.84 12.27
N ALA B 108 17.14 8.36 11.97
CA ALA B 108 17.35 9.81 11.90
C ALA B 108 16.61 10.45 10.72
N LEU B 109 16.47 9.73 9.61
CA LEU B 109 15.78 10.24 8.42
C LEU B 109 14.81 9.16 7.94
N PRO B 110 13.64 9.08 8.58
CA PRO B 110 12.70 8.04 8.24
C PRO B 110 12.01 8.25 6.89
N GLU B 111 11.59 7.17 6.26
CA GLU B 111 10.60 7.25 5.19
CA GLU B 111 10.62 7.27 5.19
C GLU B 111 9.38 7.99 5.71
N CYS B 112 8.81 8.82 4.87
CA CYS B 112 7.55 9.48 5.20
C CYS B 112 6.80 9.72 3.91
N LEU B 113 5.77 8.91 3.66
CA LEU B 113 4.94 9.09 2.50
C LEU B 113 3.50 8.99 2.95
N VAL B 114 2.66 9.95 2.55
CA VAL B 114 1.30 10.00 3.02
C VAL B 114 0.36 9.81 1.84
N LEU B 115 -0.61 8.93 2.00
CA LEU B 115 -1.67 8.70 1.02
C LEU B 115 -3.01 9.18 1.57
N THR B 116 -3.88 9.63 0.68
CA THR B 116 -5.26 10.00 1.04
C THR B 116 -6.23 9.04 0.41
N PRO B 117 -6.90 8.22 1.21
CA PRO B 117 -8.03 7.43 0.70
C PRO B 117 -9.14 8.34 0.20
N ILE B 118 -9.75 7.95 -0.91
CA ILE B 118 -10.79 8.75 -1.53
C ILE B 118 -12.17 8.32 -1.10
N ALA B 119 -12.31 7.16 -0.46
CA ALA B 119 -13.62 6.72 0.03
C ALA B 119 -13.38 5.77 1.16
N SER B 120 -14.42 5.60 1.97
CA SER B 120 -14.44 4.64 3.07
C SER B 120 -15.91 4.30 3.33
N SER B 121 -16.17 3.43 4.30
CA SER B 121 -17.54 3.26 4.77
C SER B 121 -17.83 4.29 5.84
N VAL B 122 -19.11 4.59 6.01
CA VAL B 122 -19.50 5.48 7.09
C VAL B 122 -18.99 4.93 8.44
N ALA B 123 -19.23 3.63 8.64
CA ALA B 123 -18.87 3.00 9.91
C ALA B 123 -17.38 3.06 10.20
N TYR B 124 -16.55 2.77 9.19
CA TYR B 124 -15.10 2.77 9.39
C TYR B 124 -14.59 4.19 9.65
N ARG B 125 -15.04 5.13 8.83
CA ARG B 125 -14.60 6.51 9.03
CA ARG B 125 -14.67 6.53 9.00
C ARG B 125 -15.00 6.99 10.42
N ASP B 126 -16.24 6.70 10.83
CA ASP B 126 -16.67 7.11 12.16
C ASP B 126 -15.85 6.46 13.27
N TRP B 127 -15.51 5.18 13.12
CA TRP B 127 -14.66 4.50 14.09
C TRP B 127 -13.29 5.19 14.19
N LEU B 128 -12.71 5.46 13.02
CA LEU B 128 -11.38 6.03 12.97
C LEU B 128 -11.37 7.39 13.66
N ARG B 129 -12.31 8.24 13.25
CA ARG B 129 -12.39 9.58 13.84
C ARG B 129 -12.69 9.54 15.35
N SER B 130 -13.61 8.69 15.75
CA SER B 130 -13.94 8.62 17.19
C SER B 130 -12.82 8.02 18.05
N SER B 131 -11.93 7.23 17.44
CA SER B 131 -10.78 6.71 18.16
C SER B 131 -9.75 7.73 18.53
N LEU B 132 -9.79 8.89 17.86
CA LEU B 132 -8.83 9.97 18.07
C LEU B 132 -9.49 11.15 18.78
N SER C 26 4.49 3.41 -21.98
CA SER C 26 3.09 2.94 -22.11
C SER C 26 2.13 3.42 -20.98
N LEU C 27 2.56 4.41 -20.18
CA LEU C 27 1.70 4.88 -19.07
C LEU C 27 0.60 5.76 -19.58
N ILE C 28 -0.59 5.51 -19.05
CA ILE C 28 -1.75 6.35 -19.33
C ILE C 28 -2.37 6.80 -18.01
N GLU C 29 -2.95 8.00 -18.03
CA GLU C 29 -3.72 8.48 -16.91
C GLU C 29 -4.94 7.63 -16.67
N THR C 30 -5.25 7.40 -15.40
CA THR C 30 -6.41 6.60 -15.00
C THR C 30 -7.16 7.34 -13.91
N ALA C 31 -8.48 7.37 -14.04
CA ALA C 31 -9.34 7.91 -13.00
C ALA C 31 -10.43 6.93 -12.52
N ASP C 32 -10.62 5.83 -13.23
CA ASP C 32 -11.72 4.91 -12.94
C ASP C 32 -11.27 3.58 -12.30
N LEU C 33 -9.97 3.39 -12.06
CA LEU C 33 -9.49 2.24 -11.31
C LEU C 33 -9.55 2.52 -9.82
N ARG C 34 -9.75 1.46 -9.04
CA ARG C 34 -9.83 1.59 -7.59
C ARG C 34 -9.12 0.42 -6.93
N LEU C 35 -8.50 0.69 -5.80
CA LEU C 35 -7.97 -0.32 -4.89
C LEU C 35 -8.82 -0.26 -3.64
N LEU C 36 -9.46 -1.36 -3.27
CA LEU C 36 -10.20 -1.44 -2.00
C LEU C 36 -9.36 -2.24 -1.03
N LEU C 37 -9.04 -1.62 0.10
CA LEU C 37 -8.27 -2.23 1.17
C LEU C 37 -9.17 -2.61 2.29
N THR C 38 -9.02 -3.86 2.75
CA THR C 38 -9.73 -4.33 3.92
C THR C 38 -8.84 -5.36 4.61
N THR C 39 -9.27 -5.81 5.80
CA THR C 39 -8.53 -6.85 6.52
C THR C 39 -9.52 -7.87 7.03
N VAL C 40 -9.03 -9.10 7.16
CA VAL C 40 -9.76 -10.19 7.85
C VAL C 40 -8.78 -10.89 8.78
N SER C 41 -9.29 -11.68 9.71
CA SER C 41 -8.43 -12.25 10.73
C SER C 41 -7.56 -13.38 10.20
N THR C 42 -8.13 -14.26 9.37
CA THR C 42 -7.50 -15.54 9.01
C THR C 42 -7.13 -15.62 7.54
N GLU C 43 -6.06 -16.34 7.27
CA GLU C 43 -5.67 -16.68 5.92
C GLU C 43 -6.78 -17.40 5.17
N VAL C 44 -7.44 -18.37 5.81
CA VAL C 44 -8.50 -19.08 5.12
C VAL C 44 -9.61 -18.14 4.68
N GLU C 45 -10.05 -17.24 5.57
CA GLU C 45 -11.11 -16.35 5.10
C GLU C 45 -10.61 -15.48 3.95
N ALA C 46 -9.38 -14.95 4.03
CA ALA C 46 -8.87 -14.10 2.97
C ALA C 46 -8.89 -14.84 1.63
N GLN C 47 -8.41 -16.08 1.65
CA GLN C 47 -8.38 -16.87 0.44
C GLN C 47 -9.78 -17.09 -0.14
N GLN C 48 -10.71 -17.42 0.72
CA GLN C 48 -12.08 -17.66 0.27
C GLN C 48 -12.75 -16.42 -0.29
N LEU C 49 -12.60 -15.31 0.41
CA LEU C 49 -13.14 -14.05 -0.07
C LEU C 49 -12.54 -13.64 -1.39
N ALA C 50 -11.22 -13.78 -1.51
CA ALA C 50 -10.57 -13.39 -2.76
C ALA C 50 -11.08 -14.22 -3.93
N GLN C 51 -11.13 -15.53 -3.75
CA GLN C 51 -11.57 -16.40 -4.81
C GLN C 51 -13.01 -16.07 -5.24
N ALA C 52 -13.89 -15.91 -4.28
CA ALA C 52 -15.30 -15.72 -4.59
C ALA C 52 -15.50 -14.33 -5.20
N ALA C 53 -14.78 -13.30 -4.76
CA ALA C 53 -14.94 -11.97 -5.34
C ALA C 53 -14.54 -11.95 -6.81
N VAL C 54 -13.45 -12.64 -7.11
CA VAL C 54 -12.99 -12.71 -8.49
C VAL C 54 -13.98 -13.54 -9.32
N GLU C 55 -14.45 -14.66 -8.79
CA GLU C 55 -15.44 -15.48 -9.49
C GLU C 55 -16.73 -14.70 -9.74
N ALA C 56 -17.12 -13.83 -8.83
CA ALA C 56 -18.32 -13.01 -8.97
C ALA C 56 -18.15 -11.85 -9.95
N GLY C 57 -16.93 -11.61 -10.42
CA GLY C 57 -16.66 -10.48 -11.29
C GLY C 57 -16.66 -9.14 -10.60
N LEU C 58 -16.46 -9.13 -9.28
CA LEU C 58 -16.46 -7.91 -8.50
C LEU C 58 -15.09 -7.27 -8.41
N ALA C 59 -14.04 -8.09 -8.59
CA ALA C 59 -12.66 -7.63 -8.60
C ALA C 59 -11.93 -8.42 -9.66
N ALA C 60 -10.90 -7.82 -10.27
CA ALA C 60 -10.09 -8.51 -11.25
C ALA C 60 -8.99 -9.36 -10.64
N CYS C 61 -8.45 -8.85 -9.52
CA CYS C 61 -7.28 -9.42 -8.83
CA CYS C 61 -7.49 -9.60 -8.77
C CYS C 61 -7.41 -9.02 -7.39
N VAL C 62 -6.85 -9.84 -6.50
CA VAL C 62 -6.82 -9.52 -5.09
C VAL C 62 -5.47 -9.97 -4.55
N SER C 63 -4.80 -9.13 -3.79
CA SER C 63 -3.61 -9.57 -3.08
C SER C 63 -3.91 -9.74 -1.60
N ILE C 64 -3.16 -10.66 -0.97
CA ILE C 64 -3.30 -10.99 0.44
C ILE C 64 -1.91 -10.95 1.04
N THR C 65 -1.76 -10.16 2.10
CA THR C 65 -0.50 -9.92 2.78
C THR C 65 -0.71 -10.15 4.29
N PRO C 66 0.08 -11.01 4.97
CA PRO C 66 -0.06 -11.12 6.45
C PRO C 66 0.47 -9.90 7.14
N ILE C 67 -0.26 -9.38 8.10
CA ILE C 67 0.13 -8.20 8.85
C ILE C 67 -0.07 -8.43 10.34
N GLN C 68 0.48 -7.52 11.13
CA GLN C 68 0.02 -7.33 12.51
C GLN C 68 -0.60 -5.97 12.61
N SER C 69 -1.70 -5.88 13.33
CA SER C 69 -2.40 -4.60 13.49
CA SER C 69 -2.46 -4.64 13.47
C SER C 69 -2.54 -4.25 14.94
N CYS C 70 -2.28 -2.99 15.26
CA CYS C 70 -2.41 -2.45 16.59
CA CYS C 70 -2.40 -2.44 16.60
C CYS C 70 -3.47 -1.38 16.55
N TYR C 71 -4.48 -1.49 17.39
CA TYR C 71 -5.59 -0.59 17.24
C TYR C 71 -6.32 -0.40 18.46
N ARG C 72 -7.07 0.74 18.47
CA ARG C 72 -7.99 1.10 19.55
C ARG C 72 -9.35 0.45 19.24
N TRP C 73 -9.83 -0.42 20.11
CA TRP C 73 -11.18 -1.00 19.95
C TRP C 73 -11.89 -1.10 21.29
N GLN C 74 -13.01 -0.37 21.41
CA GLN C 74 -13.84 -0.42 22.60
C GLN C 74 -13.02 -0.10 23.86
N GLY C 75 -12.24 0.99 23.77
CA GLY C 75 -11.40 1.49 24.87
C GLY C 75 -9.98 0.96 24.95
N ALA C 76 -9.78 -0.31 24.61
CA ALA C 76 -8.52 -1.03 24.81
C ALA C 76 -7.63 -0.91 23.56
N ILE C 77 -6.33 -1.23 23.72
CA ILE C 77 -5.38 -1.36 22.59
C ILE C 77 -5.01 -2.84 22.44
N ALA C 78 -5.20 -3.36 21.23
CA ALA C 78 -4.86 -4.76 20.92
C ALA C 78 -3.80 -4.80 19.83
N ARG C 79 -3.04 -5.89 19.73
CA ARG C 79 -2.21 -6.20 18.56
C ARG C 79 -2.56 -7.62 18.16
N GLU C 80 -3.06 -7.75 16.94
CA GLU C 80 -3.52 -9.02 16.41
C GLU C 80 -2.98 -9.24 15.04
N THR C 81 -2.84 -10.50 14.67
CA THR C 81 -2.49 -10.88 13.32
C THR C 81 -3.72 -10.78 12.45
N GLU C 82 -3.53 -10.28 11.25
CA GLU C 82 -4.60 -10.14 10.28
C GLU C 82 -4.04 -10.40 8.88
N GLN C 83 -4.91 -10.41 7.90
CA GLN C 83 -4.55 -10.48 6.50
C GLN C 83 -5.02 -9.19 5.84
N GLN C 84 -4.08 -8.43 5.28
CA GLN C 84 -4.41 -7.27 4.49
C GLN C 84 -4.78 -7.71 3.09
N MET C 85 -5.95 -7.28 2.64
CA MET C 85 -6.42 -7.57 1.29
C MET C 85 -6.46 -6.29 0.49
N SER C 86 -6.06 -6.38 -0.78
CA SER C 86 -6.14 -5.28 -1.72
C SER C 86 -6.83 -5.77 -2.96
N PHE C 87 -8.05 -5.28 -3.19
CA PHE C 87 -8.88 -5.68 -4.33
C PHE C 87 -8.73 -4.65 -5.44
N LYS C 88 -8.42 -5.12 -6.65
CA LYS C 88 -8.34 -4.25 -7.83
C LYS C 88 -9.66 -4.29 -8.57
N THR C 89 -10.29 -3.13 -8.74
CA THR C 89 -11.59 -3.08 -9.37
C THR C 89 -11.74 -1.73 -10.07
N THR C 90 -12.95 -1.46 -10.55
CA THR C 90 -13.28 -0.20 -11.18
C THR C 90 -14.26 0.56 -10.30
N VAL C 91 -14.41 1.85 -10.59
CA VAL C 91 -15.38 2.65 -9.86
C VAL C 91 -16.80 2.12 -10.05
N GLU C 92 -17.06 1.53 -11.22
CA GLU C 92 -18.38 1.00 -11.52
C GLU C 92 -18.74 -0.21 -10.63
N GLN C 93 -17.76 -1.04 -10.29
CA GLN C 93 -17.99 -2.24 -9.46
C GLN C 93 -17.74 -1.98 -7.99
N LEU C 94 -17.21 -0.82 -7.61
CA LEU C 94 -16.68 -0.68 -6.27
C LEU C 94 -17.76 -0.81 -5.20
N ASP C 95 -18.90 -0.14 -5.41
CA ASP C 95 -19.96 -0.24 -4.38
C ASP C 95 -20.45 -1.68 -4.16
N ALA C 96 -20.67 -2.36 -5.28
CA ALA C 96 -21.12 -3.73 -5.20
C ALA C 96 -20.10 -4.60 -4.49
N LEU C 97 -18.82 -4.39 -4.79
CA LEU C 97 -17.78 -5.18 -4.14
C LEU C 97 -17.78 -4.91 -2.65
N GLN C 98 -17.81 -3.64 -2.26
CA GLN C 98 -17.73 -3.30 -0.88
C GLN C 98 -18.93 -3.88 -0.07
N GLN C 99 -20.12 -3.78 -0.63
CA GLN C 99 -21.31 -4.34 0.00
C GLN C 99 -21.26 -5.86 0.10
N TRP C 100 -20.81 -6.50 -0.97
CA TRP C 100 -20.70 -7.94 -0.97
C TRP C 100 -19.72 -8.38 0.11
N LEU C 101 -18.57 -7.73 0.21
CA LEU C 101 -17.61 -8.11 1.26
C LEU C 101 -18.21 -8.00 2.68
N GLN C 102 -18.92 -6.92 2.91
CA GLN C 102 -19.62 -6.76 4.19
C GLN C 102 -20.58 -7.91 4.45
N SER C 103 -21.29 -8.37 3.42
CA SER C 103 -22.25 -9.47 3.58
C SER C 103 -21.55 -10.75 4.01
N GLN C 104 -20.25 -10.87 3.67
CA GLN C 104 -19.53 -12.10 4.02
C GLN C 104 -19.07 -12.24 5.51
N HIS C 105 -19.03 -11.11 6.20
CA HIS C 105 -18.65 -11.05 7.64
C HIS C 105 -19.50 -10.00 8.30
N PRO C 106 -20.80 -10.29 8.41
CA PRO C 106 -21.76 -9.26 8.80
C PRO C 106 -21.59 -8.73 10.23
N TYR C 107 -20.90 -9.48 11.05
CA TYR C 107 -20.66 -9.18 12.48
C TYR C 107 -19.47 -8.21 12.63
N ALA C 108 -18.70 -8.04 11.56
CA ALA C 108 -17.49 -7.30 11.63
C ALA C 108 -17.76 -5.82 11.20
N LEU C 109 -16.99 -4.88 11.72
CA LEU C 109 -16.90 -3.48 11.21
C LEU C 109 -15.57 -3.48 10.52
N PRO C 110 -15.55 -3.88 9.25
CA PRO C 110 -14.24 -4.11 8.66
C PRO C 110 -13.56 -2.81 8.21
N GLU C 111 -12.25 -2.88 8.13
CA GLU C 111 -11.49 -1.83 7.47
C GLU C 111 -12.05 -1.60 6.08
N CYS C 112 -12.18 -0.34 5.69
CA CYS C 112 -12.67 -0.05 4.34
C CYS C 112 -12.02 1.23 3.89
N LEU C 113 -10.96 1.10 3.10
CA LEU C 113 -10.27 2.25 2.57
C LEU C 113 -10.09 2.09 1.08
N VAL C 114 -10.37 3.15 0.31
CA VAL C 114 -10.26 3.07 -1.13
C VAL C 114 -9.23 4.04 -1.62
N LEU C 115 -8.33 3.57 -2.47
CA LEU C 115 -7.34 4.38 -3.14
C LEU C 115 -7.63 4.45 -4.63
N THR C 116 -7.24 5.57 -5.25
CA THR C 116 -7.37 5.73 -6.70
C THR C 116 -6.00 5.85 -7.32
N PRO C 117 -5.55 4.84 -8.06
CA PRO C 117 -4.31 5.00 -8.84
C PRO C 117 -4.45 6.14 -9.86
N ILE C 118 -3.36 6.82 -10.11
CA ILE C 118 -3.37 7.95 -11.04
C ILE C 118 -2.91 7.55 -12.40
N ALA C 119 -2.26 6.40 -12.56
CA ALA C 119 -1.82 5.96 -13.87
C ALA C 119 -1.72 4.46 -13.85
N SER C 120 -1.71 3.90 -15.05
CA SER C 120 -1.50 2.47 -15.26
C SER C 120 -0.93 2.30 -16.66
N SER C 121 -0.77 1.10 -17.13
CA SER C 121 -0.48 0.86 -18.55
C SER C 121 -1.79 0.59 -19.26
N VAL C 122 -1.84 0.84 -20.57
CA VAL C 122 -3.04 0.52 -21.33
C VAL C 122 -3.41 -0.95 -21.13
N ALA C 123 -2.43 -1.83 -21.28
CA ALA C 123 -2.68 -3.26 -21.25
C ALA C 123 -3.23 -3.71 -19.90
N TYR C 124 -2.66 -3.18 -18.81
CA TYR C 124 -3.09 -3.61 -17.49
C TYR C 124 -4.48 -3.09 -17.20
N ARG C 125 -4.71 -1.81 -17.50
CA ARG C 125 -6.04 -1.26 -17.34
C ARG C 125 -7.08 -2.04 -18.13
N ASP C 126 -6.77 -2.31 -19.38
CA ASP C 126 -7.71 -3.05 -20.22
C ASP C 126 -8.00 -4.46 -19.73
N TRP C 127 -6.96 -5.13 -19.25
CA TRP C 127 -7.12 -6.47 -18.65
C TRP C 127 -8.03 -6.38 -17.44
N LEU C 128 -7.76 -5.39 -16.58
CA LEU C 128 -8.54 -5.26 -15.36
C LEU C 128 -10.01 -5.05 -15.71
N ARG C 129 -10.29 -4.14 -16.63
CA ARG C 129 -11.67 -3.87 -16.99
C ARG C 129 -12.34 -5.08 -17.64
N SER C 130 -11.57 -5.83 -18.43
CA SER C 130 -12.05 -7.09 -19.10
C SER C 130 -12.46 -8.19 -18.11
N SER C 131 -11.97 -8.12 -16.89
CA SER C 131 -12.16 -9.16 -15.90
C SER C 131 -13.38 -9.00 -15.03
N LEU C 132 -14.13 -7.92 -15.19
CA LEU C 132 -15.23 -7.60 -14.29
C LEU C 132 -16.55 -7.88 -14.95
N SER C 133 -17.58 -8.19 -14.16
CA SER C 133 -18.88 -8.63 -14.68
C SER C 133 -20.01 -7.95 -13.91
C1 BTB D . 0.64 -11.51 -14.87
O1 BTB D . 0.50 -11.49 -16.30
C2 BTB D . -0.55 -12.12 -14.11
C3 BTB D . 0.01 -12.60 -12.76
O3 BTB D . 0.33 -11.49 -11.93
C4 BTB D . -1.16 -13.34 -14.81
O4 BTB D . -0.23 -14.43 -14.89
N BTB D . -1.56 -11.03 -13.91
C5 BTB D . -2.11 -10.37 -15.14
C6 BTB D . -2.20 -8.87 -14.88
O6 BTB D . -0.91 -8.39 -14.46
C7 BTB D . -2.71 -11.40 -13.01
C8 BTB D . -3.02 -10.38 -11.93
O8 BTB D . -2.05 -9.34 -11.75
C1 BTB E . 18.26 6.92 3.26
O1 BTB E . 19.22 5.86 3.22
C2 BTB E . 17.07 6.52 4.12
C3 BTB E . 16.02 7.65 4.01
O3 BTB E . 14.78 7.26 4.62
C4 BTB E . 17.48 6.37 5.57
O4 BTB E . 18.10 7.55 6.04
N BTB E . 16.39 5.25 3.67
C5 BTB E . 16.23 5.20 2.18
C6 BTB E . 15.08 4.29 1.78
O6 BTB E . 13.85 4.92 2.14
C7 BTB E . 16.97 3.96 4.13
C8 BTB E . 16.22 3.47 5.37
O8 BTB E . 14.79 3.61 5.26
C1 BTB F . -10.05 -5.25 13.54
O1 BTB F . -9.63 -5.15 12.17
C2 BTB F . -11.25 -4.34 13.80
C3 BTB F . -11.65 -4.40 15.29
O3 BTB F . -12.01 -5.72 15.72
C4 BTB F . -12.40 -4.88 12.93
O4 BTB F . -13.70 -4.52 13.45
N BTB F . -10.91 -2.93 13.37
C5 BTB F . -12.06 -2.02 13.53
C6 BTB F . -12.14 -1.09 12.35
O6 BTB F . -12.07 -1.85 11.15
C7 BTB F . -9.73 -2.26 13.94
C8 BTB F . -8.55 -2.09 12.98
O8 BTB F . -8.89 -2.05 11.59
#